data_8TC3
#
_entry.id   8TC3
#
_cell.length_a   1.00
_cell.length_b   1.00
_cell.length_c   1.00
_cell.angle_alpha   90.00
_cell.angle_beta   90.00
_cell.angle_gamma   90.00
#
_symmetry.space_group_name_H-M   'P 1'
#
loop_
_entity.id
_entity.type
_entity.pdbx_description
1 polymer 'Nitrogenase iron protein,Fluorescent protein plum'
2 non-polymer 'IRON/SULFUR CLUSTER'
3 water water
#
_entity_poly.entity_id   1
_entity_poly.type   'polypeptide(L)'
_entity_poly.pdbx_seq_one_letter_code
;MAMRQCAIYGKGGIGKSTTTQNLVAALAEMGKKVMIVGCDPKADSTRLILHSKAQNTIMEMAAEAGTVEDLELEDVLKAG
YGGVKCVESGGPEPGVGCAGRGVITAINFLEEEGAYEDDLDFVFYDVLGDVVCGGFAMPIRENKAQEIYIVCSGEMMAMY
AANNISKGIVKYANSGSVRLGGLICNSRNTDREDELIIALANKLGTQMIHFVPRDNVVQRAEIRRMTVIEYDPKAKQADE
YRALARKVVDNKLLVIPNPITMDELEELLMEFGIMEVEDESIVGKTAEEVGGGVSKGEEVIKEFMRFKEHMEGSVNGHEF
EIEGEGEGRPYEGTQTARLKVTKGGPLPFAWDILSPQIMYGSKAYVKHPADIPDYLKLSFPEGFKWERVMNFEDGGVVTV
TQDSSLQDGEFIYKVKVRGTNFPSDGPVMQKKTMGWEASSERMYPEDGALKGEMKMRLRLKDGGHYDAEVKTTYMAKKPV
QLPGAYKTDIKLDITSHNEDYTIVEQYERAEGRHSTGA
;
_entity_poly.pdbx_strand_id   A,B
#
loop_
_chem_comp.id
_chem_comp.type
_chem_comp.name
_chem_comp.formula
SF4 non-polymer 'IRON/SULFUR CLUSTER' 'Fe4 S4'
#
# COMPACT_ATOMS: atom_id res chain seq x y z
N MET A 3 -6.86 -14.91 -26.95
CA MET A 3 -6.22 -14.61 -25.68
C MET A 3 -6.91 -13.45 -24.98
N ARG A 4 -7.15 -13.61 -23.69
CA ARG A 4 -7.80 -12.58 -22.88
C ARG A 4 -6.79 -11.98 -21.92
N GLN A 5 -6.67 -10.66 -21.94
CA GLN A 5 -5.76 -9.92 -21.07
C GLN A 5 -6.55 -9.41 -19.88
N CYS A 6 -6.32 -10.02 -18.72
CA CYS A 6 -6.99 -9.65 -17.49
C CYS A 6 -5.96 -9.23 -16.44
N ALA A 7 -6.35 -8.26 -15.63
CA ALA A 7 -5.52 -7.79 -14.53
C ALA A 7 -6.29 -7.90 -13.23
N ILE A 8 -5.70 -8.58 -12.26
CA ILE A 8 -6.26 -8.65 -10.91
C ILE A 8 -5.64 -7.53 -10.10
N TYR A 9 -6.46 -6.55 -9.74
CA TYR A 9 -6.05 -5.43 -8.90
C TYR A 9 -6.56 -5.63 -7.49
N GLY A 10 -6.03 -4.82 -6.57
CA GLY A 10 -6.44 -4.90 -5.18
C GLY A 10 -5.35 -4.52 -4.21
N LYS A 11 -5.74 -4.04 -3.04
CA LYS A 11 -4.78 -3.65 -2.03
C LYS A 11 -4.13 -4.89 -1.41
N GLY A 12 -2.92 -4.70 -0.88
CA GLY A 12 -2.20 -5.81 -0.30
C GLY A 12 -2.74 -6.22 1.06
N GLY A 13 -2.32 -7.40 1.50
CA GLY A 13 -2.69 -7.89 2.81
C GLY A 13 -4.06 -8.50 2.91
N ILE A 14 -4.76 -8.69 1.79
CA ILE A 14 -6.09 -9.28 1.79
C ILE A 14 -6.13 -10.60 1.03
N GLY A 15 -4.97 -11.19 0.74
CA GLY A 15 -4.92 -12.47 0.06
C GLY A 15 -5.20 -12.40 -1.42
N LYS A 16 -4.92 -11.26 -2.06
CA LYS A 16 -5.19 -11.13 -3.50
C LYS A 16 -4.33 -12.07 -4.31
N SER A 17 -3.04 -12.20 -3.96
CA SER A 17 -2.14 -13.05 -4.74
C SER A 17 -2.53 -14.52 -4.63
N THR A 18 -2.91 -14.97 -3.43
CA THR A 18 -3.34 -16.36 -3.27
C THR A 18 -4.58 -16.64 -4.09
N THR A 19 -5.55 -15.72 -4.07
CA THR A 19 -6.76 -15.89 -4.86
C THR A 19 -6.44 -15.92 -6.35
N THR A 20 -5.55 -15.04 -6.81
CA THR A 20 -5.16 -15.02 -8.21
C THR A 20 -4.50 -16.32 -8.62
N GLN A 21 -3.58 -16.82 -7.80
CA GLN A 21 -2.88 -18.05 -8.15
C GLN A 21 -3.81 -19.25 -8.13
N ASN A 22 -4.73 -19.31 -7.17
CA ASN A 22 -5.68 -20.42 -7.13
C ASN A 22 -6.66 -20.35 -8.29
N LEU A 23 -7.08 -19.16 -8.68
CA LEU A 23 -7.93 -19.00 -9.85
C LEU A 23 -7.22 -19.46 -11.11
N VAL A 24 -5.93 -19.10 -11.25
CA VAL A 24 -5.17 -19.51 -12.42
C VAL A 24 -4.96 -21.02 -12.42
N ALA A 25 -4.76 -21.61 -11.24
CA ALA A 25 -4.63 -23.06 -11.15
C ALA A 25 -5.93 -23.75 -11.55
N ALA A 26 -7.07 -23.20 -11.12
CA ALA A 26 -8.36 -23.76 -11.53
C ALA A 26 -8.57 -23.62 -13.03
N LEU A 27 -8.13 -22.49 -13.61
CA LEU A 27 -8.21 -22.33 -15.06
C LEU A 27 -7.35 -23.35 -15.79
N ALA A 28 -6.13 -23.59 -15.29
CA ALA A 28 -5.24 -24.56 -15.90
C ALA A 28 -5.81 -25.96 -15.79
N GLU A 29 -6.49 -26.25 -14.67
CA GLU A 29 -7.13 -27.56 -14.51
C GLU A 29 -8.27 -27.75 -15.50
N MET A 30 -8.85 -26.66 -16.00
CA MET A 30 -9.87 -26.71 -17.03
C MET A 30 -9.31 -26.79 -18.44
N GLY A 31 -7.99 -26.77 -18.59
CA GLY A 31 -7.37 -26.85 -19.89
C GLY A 31 -7.00 -25.52 -20.52
N LYS A 32 -7.06 -24.43 -19.77
CA LYS A 32 -6.72 -23.12 -20.29
C LYS A 32 -5.24 -22.84 -20.09
N LYS A 33 -4.60 -22.32 -21.14
CA LYS A 33 -3.18 -21.94 -21.09
C LYS A 33 -3.08 -20.54 -20.52
N VAL A 34 -2.62 -20.42 -19.28
CA VAL A 34 -2.62 -19.17 -18.55
C VAL A 34 -1.18 -18.75 -18.26
N MET A 35 -0.92 -17.45 -18.39
CA MET A 35 0.34 -16.85 -17.99
C MET A 35 0.07 -15.88 -16.85
N ILE A 36 0.94 -15.87 -15.84
CA ILE A 36 0.85 -14.94 -14.72
C ILE A 36 2.02 -13.97 -14.79
N VAL A 37 1.72 -12.68 -14.80
CA VAL A 37 2.72 -11.63 -14.71
C VAL A 37 2.49 -10.89 -13.41
N GLY A 38 3.43 -11.02 -12.47
CA GLY A 38 3.32 -10.31 -11.21
C GLY A 38 3.89 -8.92 -11.29
N CYS A 39 3.06 -7.90 -11.09
CA CYS A 39 3.48 -6.51 -11.17
C CYS A 39 3.57 -5.86 -9.80
N ASP A 40 3.66 -6.69 -8.75
CA ASP A 40 3.79 -6.35 -7.34
C ASP A 40 5.25 -6.19 -6.95
N PRO A 41 5.59 -5.11 -6.24
CA PRO A 41 6.97 -4.96 -5.77
C PRO A 41 7.44 -6.09 -4.88
N LYS A 42 6.53 -6.68 -4.08
CA LYS A 42 6.88 -7.82 -3.25
C LYS A 42 7.26 -9.04 -4.09
N ALA A 43 6.66 -9.17 -5.28
CA ALA A 43 6.93 -10.27 -6.20
C ALA A 43 6.60 -11.63 -5.56
N ASP A 44 5.34 -11.77 -5.18
CA ASP A 44 4.83 -12.98 -4.54
C ASP A 44 3.69 -13.61 -5.33
N SER A 45 3.51 -13.22 -6.59
CA SER A 45 2.36 -13.63 -7.37
C SER A 45 2.54 -14.98 -8.05
N THR A 46 3.71 -15.60 -7.94
CA THR A 46 3.96 -16.88 -8.60
C THR A 46 4.51 -17.95 -7.66
N ARG A 47 4.51 -17.70 -6.35
CA ARG A 47 5.09 -18.65 -5.41
C ARG A 47 4.32 -19.97 -5.39
N LEU A 48 2.99 -19.90 -5.38
CA LEU A 48 2.18 -21.11 -5.23
C LEU A 48 2.19 -21.96 -6.50
N ILE A 49 2.21 -21.33 -7.67
CA ILE A 49 2.22 -22.09 -8.91
C ILE A 49 3.56 -22.79 -9.10
N LEU A 50 4.66 -22.10 -8.77
CA LEU A 50 5.99 -22.60 -9.02
C LEU A 50 6.56 -23.42 -7.87
N HIS A 51 5.88 -23.48 -6.72
CA HIS A 51 6.39 -24.14 -5.52
C HIS A 51 7.75 -23.57 -5.12
N SER A 52 7.92 -22.27 -5.28
CA SER A 52 9.20 -21.62 -5.07
C SER A 52 9.13 -20.64 -3.90
N LYS A 53 10.24 -20.55 -3.16
CA LYS A 53 10.36 -19.55 -2.12
C LYS A 53 10.30 -18.14 -2.70
N ALA A 54 11.00 -17.93 -3.82
CA ALA A 54 11.01 -16.63 -4.49
C ALA A 54 11.50 -16.78 -5.92
N GLN A 55 10.68 -16.38 -6.89
CA GLN A 55 11.07 -16.42 -8.29
C GLN A 55 11.95 -15.22 -8.62
N ASN A 56 13.01 -15.46 -9.38
CA ASN A 56 13.88 -14.38 -9.83
C ASN A 56 13.09 -13.44 -10.72
N THR A 57 12.95 -12.20 -10.28
CA THR A 57 12.16 -11.22 -11.03
C THR A 57 13.00 -10.64 -12.18
N ILE A 58 12.30 -10.03 -13.13
CA ILE A 58 12.95 -9.48 -14.31
C ILE A 58 13.92 -8.37 -13.93
N MET A 59 13.56 -7.56 -12.92
CA MET A 59 14.43 -6.48 -12.48
C MET A 59 15.75 -7.01 -11.94
N GLU A 60 15.70 -8.03 -11.07
CA GLU A 60 16.92 -8.56 -10.47
C GLU A 60 17.82 -9.21 -11.53
N MET A 61 17.23 -9.99 -12.44
CA MET A 61 18.04 -10.64 -13.45
C MET A 61 18.58 -9.64 -14.47
N ALA A 62 17.85 -8.57 -14.74
CA ALA A 62 18.39 -7.50 -15.57
C ALA A 62 19.55 -6.81 -14.88
N ALA A 63 19.45 -6.57 -13.57
CA ALA A 63 20.55 -5.99 -12.83
C ALA A 63 21.77 -6.91 -12.83
N GLU A 64 21.56 -8.22 -12.70
CA GLU A 64 22.67 -9.16 -12.72
C GLU A 64 23.26 -9.29 -14.12
N ALA A 65 22.48 -9.01 -15.17
CA ALA A 65 22.94 -9.13 -16.54
C ALA A 65 23.15 -7.77 -17.21
N GLY A 66 23.00 -6.67 -16.47
CA GLY A 66 23.17 -5.36 -17.05
C GLY A 66 21.88 -4.74 -17.56
N THR A 67 21.28 -5.37 -18.58
CA THR A 67 20.06 -4.86 -19.18
C THR A 67 19.13 -6.03 -19.51
N VAL A 68 17.86 -5.70 -19.75
CA VAL A 68 16.91 -6.72 -20.19
C VAL A 68 17.23 -7.17 -21.61
N GLU A 69 17.98 -6.38 -22.36
CA GLU A 69 18.32 -6.76 -23.73
C GLU A 69 19.18 -8.02 -23.77
N ASP A 70 20.04 -8.20 -22.76
CA ASP A 70 20.89 -9.38 -22.66
C ASP A 70 20.27 -10.46 -21.79
N LEU A 71 18.95 -10.46 -21.63
CA LEU A 71 18.23 -11.41 -20.82
C LEU A 71 17.60 -12.49 -21.68
N GLU A 72 17.33 -13.64 -21.06
CA GLU A 72 16.76 -14.78 -21.75
C GLU A 72 15.40 -15.10 -21.15
N LEU A 73 14.46 -15.48 -22.03
CA LEU A 73 13.10 -15.81 -21.58
C LEU A 73 13.08 -17.07 -20.72
N GLU A 74 14.05 -17.97 -20.92
CA GLU A 74 14.06 -19.22 -20.16
C GLU A 74 14.21 -18.97 -18.67
N ASP A 75 15.09 -18.04 -18.29
CA ASP A 75 15.23 -17.68 -16.88
C ASP A 75 14.08 -16.79 -16.41
N VAL A 76 13.60 -15.92 -17.30
CA VAL A 76 12.54 -14.98 -16.93
C VAL A 76 11.23 -15.71 -16.70
N LEU A 77 10.86 -16.60 -17.63
CA LEU A 77 9.55 -17.25 -17.63
C LEU A 77 9.71 -18.70 -17.20
N LYS A 78 8.92 -19.12 -16.22
CA LYS A 78 8.99 -20.46 -15.67
C LYS A 78 7.60 -21.09 -15.67
N ALA A 79 7.54 -22.38 -16.01
CA ALA A 79 6.28 -23.11 -16.05
C ALA A 79 6.04 -23.77 -14.69
N GLY A 80 4.81 -23.61 -14.18
CA GLY A 80 4.47 -24.19 -12.90
C GLY A 80 3.40 -25.26 -12.98
N TYR A 81 2.51 -25.30 -11.99
CA TYR A 81 1.46 -26.30 -11.97
C TYR A 81 0.50 -26.12 -13.14
N GLY A 82 0.17 -27.22 -13.80
CA GLY A 82 -0.77 -27.15 -14.91
C GLY A 82 -0.22 -26.51 -16.15
N GLY A 83 1.10 -26.34 -16.25
CA GLY A 83 1.70 -25.67 -17.38
C GLY A 83 1.61 -24.17 -17.34
N VAL A 84 1.21 -23.58 -16.20
CA VAL A 84 1.07 -22.14 -16.11
C VAL A 84 2.44 -21.47 -16.21
N LYS A 85 2.57 -20.52 -17.12
CA LYS A 85 3.79 -19.76 -17.25
C LYS A 85 3.79 -18.62 -16.23
N CYS A 86 4.91 -18.43 -15.55
CA CYS A 86 5.03 -17.46 -14.48
C CYS A 86 6.20 -16.52 -14.73
N VAL A 87 5.98 -15.24 -14.48
CA VAL A 87 7.02 -14.22 -14.64
C VAL A 87 6.75 -13.11 -13.64
N GLU A 88 7.81 -12.63 -13.00
CA GLU A 88 7.72 -11.53 -12.04
C GLU A 88 8.38 -10.30 -12.65
N SER A 89 7.62 -9.19 -12.68
CA SER A 89 8.15 -7.95 -13.25
C SER A 89 9.31 -7.43 -12.42
N GLY A 90 9.20 -7.49 -11.09
CA GLY A 90 10.21 -6.93 -10.23
C GLY A 90 9.86 -5.55 -9.73
N GLY A 91 10.03 -5.32 -8.44
CA GLY A 91 9.70 -4.05 -7.84
C GLY A 91 10.70 -2.97 -8.18
N PRO A 92 10.36 -1.73 -7.89
CA PRO A 92 11.31 -0.64 -8.09
C PRO A 92 12.43 -0.69 -7.08
N GLU A 93 13.53 -0.03 -7.41
CA GLU A 93 14.60 0.18 -6.45
C GLU A 93 14.03 1.02 -5.31
N PRO A 94 14.18 0.59 -4.05
CA PRO A 94 13.50 1.28 -2.95
C PRO A 94 13.90 2.74 -2.86
N GLY A 95 12.92 3.62 -3.09
CA GLY A 95 13.13 5.05 -3.01
C GLY A 95 13.62 5.71 -4.27
N VAL A 96 13.90 4.95 -5.33
CA VAL A 96 14.50 5.51 -6.53
C VAL A 96 13.56 5.40 -7.72
N GLY A 97 13.16 4.18 -8.06
CA GLY A 97 12.45 3.94 -9.29
C GLY A 97 10.95 3.92 -9.14
N CYS A 98 10.29 3.73 -10.29
CA CYS A 98 8.85 3.61 -10.37
C CYS A 98 8.47 2.13 -10.54
N ALA A 99 7.34 1.75 -9.94
CA ALA A 99 6.79 0.44 -10.23
C ALA A 99 6.38 0.33 -11.70
N GLY A 100 5.83 1.41 -12.25
CA GLY A 100 5.40 1.42 -13.63
C GLY A 100 6.51 1.15 -14.63
N ARG A 101 7.71 1.70 -14.41
CA ARG A 101 8.79 1.46 -15.35
C ARG A 101 9.20 -0.01 -15.34
N GLY A 102 9.24 -0.63 -14.16
CA GLY A 102 9.52 -2.05 -14.10
C GLY A 102 8.46 -2.88 -14.79
N VAL A 103 7.19 -2.54 -14.57
CA VAL A 103 6.10 -3.28 -15.22
C VAL A 103 6.18 -3.15 -16.73
N ILE A 104 6.40 -1.93 -17.25
CA ILE A 104 6.43 -1.76 -18.69
C ILE A 104 7.66 -2.44 -19.29
N THR A 105 8.79 -2.41 -18.57
CA THR A 105 9.98 -3.12 -19.04
C THR A 105 9.71 -4.62 -19.14
N ALA A 106 9.07 -5.18 -18.11
CA ALA A 106 8.75 -6.60 -18.13
C ALA A 106 7.81 -6.94 -19.27
N ILE A 107 6.77 -6.14 -19.47
CA ILE A 107 5.80 -6.41 -20.52
C ILE A 107 6.44 -6.29 -21.90
N ASN A 108 7.26 -5.26 -22.10
CA ASN A 108 7.94 -5.10 -23.38
C ASN A 108 8.91 -6.25 -23.66
N PHE A 109 9.63 -6.70 -22.63
CA PHE A 109 10.52 -7.83 -22.80
C PHE A 109 9.75 -9.09 -23.16
N LEU A 110 8.62 -9.33 -22.48
CA LEU A 110 7.81 -10.50 -22.77
C LEU A 110 7.26 -10.45 -24.20
N GLU A 111 6.80 -9.29 -24.64
CA GLU A 111 6.28 -9.16 -25.99
C GLU A 111 7.37 -9.34 -27.04
N GLU A 112 8.57 -8.81 -26.77
CA GLU A 112 9.67 -8.96 -27.71
C GLU A 112 10.13 -10.40 -27.80
N GLU A 113 10.17 -11.11 -26.67
CA GLU A 113 10.59 -12.51 -26.66
C GLU A 113 9.51 -13.45 -27.16
N GLY A 114 8.29 -12.98 -27.38
CA GLY A 114 7.24 -13.83 -27.89
C GLY A 114 6.57 -14.72 -26.86
N ALA A 115 6.57 -14.31 -25.59
CA ALA A 115 5.93 -15.11 -24.55
C ALA A 115 4.42 -15.10 -24.70
N TYR A 116 3.86 -13.98 -25.18
CA TYR A 116 2.41 -13.87 -25.31
C TYR A 116 1.86 -14.78 -26.41
N GLU A 117 2.68 -15.17 -27.38
CA GLU A 117 2.23 -16.06 -28.44
C GLU A 117 2.37 -17.52 -28.03
N LEU A 120 -1.84 -19.16 -25.82
CA LEU A 120 -2.33 -18.70 -24.53
C LEU A 120 -3.80 -18.33 -24.59
N ASP A 121 -4.54 -18.66 -23.53
CA ASP A 121 -5.92 -18.24 -23.39
C ASP A 121 -6.10 -17.06 -22.46
N PHE A 122 -5.27 -16.95 -21.43
CA PHE A 122 -5.38 -15.89 -20.44
C PHE A 122 -3.99 -15.39 -20.07
N VAL A 123 -3.87 -14.07 -19.94
CA VAL A 123 -2.70 -13.45 -19.33
C VAL A 123 -3.19 -12.59 -18.18
N PHE A 124 -2.80 -12.96 -16.96
CA PHE A 124 -3.26 -12.29 -15.75
C PHE A 124 -2.12 -11.47 -15.17
N TYR A 125 -2.32 -10.17 -15.11
CA TYR A 125 -1.40 -9.26 -14.44
C TYR A 125 -1.85 -9.07 -13.00
N ASP A 126 -1.08 -9.60 -12.06
CA ASP A 126 -1.38 -9.43 -10.63
C ASP A 126 -0.76 -8.12 -10.19
N VAL A 127 -1.58 -7.06 -10.15
CA VAL A 127 -1.10 -5.69 -9.95
C VAL A 127 -1.54 -5.20 -8.57
N LEU A 128 -0.62 -4.54 -7.87
CA LEU A 128 -0.93 -3.98 -6.57
C LEU A 128 -1.90 -2.80 -6.70
N GLY A 129 -2.86 -2.74 -5.80
CA GLY A 129 -3.83 -1.66 -5.80
C GLY A 129 -3.81 -0.84 -4.52
N ASP A 130 -2.72 -0.93 -3.76
CA ASP A 130 -2.59 -0.16 -2.53
C ASP A 130 -2.64 1.34 -2.83
N VAL A 131 -1.88 1.77 -3.82
CA VAL A 131 -1.95 3.14 -4.33
C VAL A 131 -2.26 3.06 -5.82
N VAL A 132 -3.22 3.87 -6.26
CA VAL A 132 -3.64 3.90 -7.66
C VAL A 132 -3.03 5.16 -8.26
N CYS A 133 -1.86 5.01 -8.84
CA CYS A 133 -1.10 6.09 -9.46
C CYS A 133 -0.81 5.75 -10.91
N GLY A 134 -0.08 6.63 -11.58
CA GLY A 134 0.26 6.38 -12.97
C GLY A 134 1.12 5.13 -13.14
N GLY A 135 2.06 4.90 -12.23
CA GLY A 135 2.92 3.74 -12.34
C GLY A 135 2.17 2.43 -12.22
N PHE A 136 1.31 2.32 -11.21
CA PHE A 136 0.59 1.07 -10.99
C PHE A 136 -0.58 0.90 -11.94
N ALA A 137 -0.97 1.93 -12.67
CA ALA A 137 -2.00 1.83 -13.70
C ALA A 137 -1.42 1.67 -15.09
N MET A 138 -0.17 1.23 -15.19
CA MET A 138 0.49 1.00 -16.48
C MET A 138 -0.23 -0.04 -17.34
N PRO A 139 -0.61 -1.21 -16.81
CA PRO A 139 -1.37 -2.15 -17.66
C PRO A 139 -2.67 -1.57 -18.17
N ILE A 140 -3.36 -0.78 -17.35
CA ILE A 140 -4.61 -0.15 -17.79
C ILE A 140 -4.33 0.94 -18.81
N ARG A 141 -3.34 1.78 -18.55
CA ARG A 141 -3.07 2.92 -19.41
C ARG A 141 -2.49 2.51 -20.76
N GLU A 142 -1.56 1.55 -20.77
CA GLU A 142 -0.90 1.13 -22.00
C GLU A 142 -1.66 0.04 -22.74
N ASN A 143 -2.95 -0.17 -22.41
CA ASN A 143 -3.80 -1.13 -23.11
C ASN A 143 -3.21 -2.54 -23.07
N LYS A 144 -2.60 -2.90 -21.95
CA LYS A 144 -2.06 -4.24 -21.78
C LYS A 144 -3.09 -5.21 -21.20
N ALA A 145 -3.97 -4.73 -20.33
CA ALA A 145 -5.03 -5.53 -19.73
C ALA A 145 -6.38 -4.94 -20.11
N GLN A 146 -7.26 -5.76 -20.65
CA GLN A 146 -8.57 -5.31 -21.08
C GLN A 146 -9.67 -5.59 -20.07
N GLU A 147 -9.57 -6.67 -19.30
CA GLU A 147 -10.56 -7.01 -18.29
C GLU A 147 -9.91 -6.88 -16.91
N ILE A 148 -10.46 -6.01 -16.07
CA ILE A 148 -9.92 -5.75 -14.75
C ILE A 148 -10.85 -6.39 -13.72
N TYR A 149 -10.29 -7.23 -12.86
CA TYR A 149 -11.02 -7.81 -11.75
C TYR A 149 -10.37 -7.34 -10.45
N ILE A 150 -11.17 -6.81 -9.54
CA ILE A 150 -10.67 -6.24 -8.31
C ILE A 150 -10.98 -7.19 -7.16
N VAL A 151 -9.95 -7.60 -6.44
CA VAL A 151 -10.11 -8.38 -5.22
C VAL A 151 -10.22 -7.41 -4.07
N CYS A 152 -11.32 -7.49 -3.32
CA CYS A 152 -11.59 -6.56 -2.24
C CYS A 152 -12.14 -7.34 -1.05
N SER A 153 -12.46 -6.60 0.02
CA SER A 153 -13.02 -7.17 1.22
C SER A 153 -13.98 -6.16 1.83
N GLY A 154 -14.62 -6.56 2.93
CA GLY A 154 -15.57 -5.70 3.59
C GLY A 154 -14.95 -4.73 4.58
N GLU A 155 -13.84 -4.11 4.19
CA GLU A 155 -13.15 -3.15 5.03
C GLU A 155 -12.94 -1.86 4.26
N MET A 156 -12.79 -0.76 4.99
CA MET A 156 -12.74 0.56 4.38
C MET A 156 -11.63 0.67 3.34
N MET A 157 -10.44 0.17 3.68
CA MET A 157 -9.30 0.30 2.77
C MET A 157 -9.51 -0.49 1.49
N ALA A 158 -10.08 -1.70 1.59
CA ALA A 158 -10.25 -2.54 0.42
C ALA A 158 -11.23 -1.90 -0.57
N MET A 159 -12.38 -1.44 -0.09
CA MET A 159 -13.35 -0.81 -0.99
C MET A 159 -12.87 0.55 -1.47
N TYR A 160 -12.09 1.27 -0.65
CA TYR A 160 -11.50 2.52 -1.13
C TYR A 160 -10.53 2.26 -2.28
N ALA A 161 -9.70 1.22 -2.16
CA ALA A 161 -8.80 0.85 -3.24
C ALA A 161 -9.57 0.41 -4.47
N ALA A 162 -10.66 -0.35 -4.27
CA ALA A 162 -11.49 -0.76 -5.41
C ALA A 162 -12.08 0.44 -6.11
N ASN A 163 -12.56 1.43 -5.35
CA ASN A 163 -13.12 2.64 -5.94
C ASN A 163 -12.05 3.43 -6.69
N ASN A 164 -10.83 3.50 -6.15
CA ASN A 164 -9.77 4.21 -6.85
C ASN A 164 -9.36 3.50 -8.14
N ILE A 165 -9.32 2.16 -8.11
CA ILE A 165 -9.05 1.41 -9.33
C ILE A 165 -10.15 1.64 -10.36
N SER A 166 -11.40 1.71 -9.89
CA SER A 166 -12.50 2.03 -10.79
C SER A 166 -12.34 3.43 -11.38
N LYS A 167 -11.87 4.39 -10.58
CA LYS A 167 -11.61 5.73 -11.10
C LYS A 167 -10.54 5.70 -12.18
N GLY A 168 -9.47 4.93 -11.97
CA GLY A 168 -8.45 4.79 -12.99
C GLY A 168 -9.00 4.17 -14.27
N ILE A 169 -9.82 3.13 -14.12
CA ILE A 169 -10.44 2.50 -15.28
C ILE A 169 -11.29 3.52 -16.04
N VAL A 170 -12.12 4.28 -15.31
CA VAL A 170 -12.96 5.29 -15.94
C VAL A 170 -12.11 6.31 -16.68
N LYS A 171 -10.97 6.68 -16.09
CA LYS A 171 -10.06 7.59 -16.78
C LYS A 171 -9.57 6.99 -18.09
N TYR A 172 -9.26 5.69 -18.10
CA TYR A 172 -8.75 5.06 -19.31
C TYR A 172 -9.80 4.24 -20.06
N ALA A 173 -11.05 4.24 -19.63
CA ALA A 173 -12.12 3.56 -20.35
C ALA A 173 -12.62 4.35 -21.54
N ASN A 174 -12.21 5.61 -21.68
CA ASN A 174 -12.53 6.43 -22.83
C ASN A 174 -11.26 6.62 -23.64
N SER A 175 -11.37 6.45 -24.96
CA SER A 175 -10.21 6.30 -25.84
C SER A 175 -9.38 5.09 -25.45
N GLY A 176 -10.05 4.06 -24.93
CA GLY A 176 -9.42 2.81 -24.55
C GLY A 176 -10.49 1.75 -24.40
N SER A 177 -10.05 0.50 -24.41
CA SER A 177 -10.95 -0.65 -24.38
C SER A 177 -10.85 -1.44 -23.08
N VAL A 178 -10.30 -0.84 -22.03
CA VAL A 178 -10.19 -1.52 -20.74
C VAL A 178 -11.50 -1.40 -19.99
N ARG A 179 -12.01 -2.51 -19.49
CA ARG A 179 -13.31 -2.57 -18.84
C ARG A 179 -13.19 -3.33 -17.52
N LEU A 180 -14.13 -3.06 -16.62
CA LEU A 180 -14.22 -3.74 -15.34
C LEU A 180 -15.08 -4.99 -15.49
N GLY A 181 -14.51 -6.15 -15.21
CA GLY A 181 -15.23 -7.41 -15.33
C GLY A 181 -16.00 -7.80 -14.09
N GLY A 182 -15.55 -7.35 -12.93
CA GLY A 182 -16.25 -7.66 -11.70
C GLY A 182 -15.37 -7.47 -10.49
N LEU A 183 -15.96 -7.75 -9.34
CA LEU A 183 -15.29 -7.67 -8.05
C LEU A 183 -15.21 -9.07 -7.43
N ILE A 184 -14.03 -9.46 -6.99
CA ILE A 184 -13.83 -10.71 -6.27
C ILE A 184 -13.73 -10.37 -4.79
N CYS A 185 -14.68 -10.87 -4.01
CA CYS A 185 -14.69 -10.62 -2.57
C CYS A 185 -13.87 -11.70 -1.87
N ASN A 186 -12.67 -11.35 -1.43
CA ASN A 186 -11.88 -12.23 -0.58
C ASN A 186 -12.40 -12.10 0.84
N SER A 187 -13.06 -13.16 1.32
CA SER A 187 -13.69 -13.11 2.63
C SER A 187 -12.66 -12.88 3.72
N ARG A 188 -13.05 -12.08 4.71
CA ARG A 188 -12.25 -11.88 5.92
C ARG A 188 -13.01 -12.35 7.16
N ASN A 189 -13.99 -13.24 6.97
CA ASN A 189 -14.86 -13.73 8.04
C ASN A 189 -15.65 -12.60 8.69
N THR A 190 -15.96 -11.56 7.91
CA THR A 190 -16.78 -10.45 8.39
C THR A 190 -18.24 -10.67 8.02
N ASP A 191 -19.12 -10.33 8.95
CA ASP A 191 -20.56 -10.52 8.74
C ASP A 191 -21.07 -9.57 7.68
N ARG A 192 -21.96 -10.07 6.82
CA ARG A 192 -22.56 -9.31 5.73
C ARG A 192 -21.50 -8.74 4.79
N GLU A 193 -20.38 -9.45 4.64
CA GLU A 193 -19.34 -8.99 3.73
C GLU A 193 -19.72 -9.20 2.27
N ASP A 194 -20.32 -10.36 1.98
CA ASP A 194 -20.79 -10.61 0.61
C ASP A 194 -21.86 -9.62 0.20
N GLU A 195 -22.80 -9.34 1.10
CA GLU A 195 -23.85 -8.36 0.80
C GLU A 195 -23.27 -6.97 0.58
N LEU A 196 -22.29 -6.59 1.41
CA LEU A 196 -21.64 -5.29 1.26
C LEU A 196 -20.92 -5.18 -0.08
N ILE A 197 -20.20 -6.23 -0.48
CA ILE A 197 -19.47 -6.19 -1.74
C ILE A 197 -20.45 -6.22 -2.93
N ILE A 198 -21.56 -6.94 -2.79
CA ILE A 198 -22.58 -6.92 -3.83
C ILE A 198 -23.16 -5.53 -4.00
N ALA A 199 -23.45 -4.85 -2.87
CA ALA A 199 -23.95 -3.48 -2.94
C ALA A 199 -22.92 -2.53 -3.53
N LEU A 200 -21.65 -2.70 -3.17
CA LEU A 200 -20.61 -1.87 -3.75
C LEU A 200 -20.50 -2.07 -5.26
N ALA A 201 -20.60 -3.33 -5.72
CA ALA A 201 -20.56 -3.60 -7.15
C ALA A 201 -21.78 -3.02 -7.85
N ASN A 202 -22.95 -3.07 -7.21
CA ASN A 202 -24.14 -2.45 -7.79
C ASN A 202 -23.97 -0.94 -7.92
N LYS A 203 -23.39 -0.31 -6.91
CA LYS A 203 -23.11 1.13 -6.99
C LYS A 203 -22.11 1.41 -8.11
N LEU A 204 -21.08 0.58 -8.25
CA LEU A 204 -20.10 0.74 -9.31
C LEU A 204 -20.65 0.34 -10.68
N GLY A 205 -21.82 -0.29 -10.74
CA GLY A 205 -22.37 -0.76 -12.00
C GLY A 205 -21.85 -2.09 -12.46
N THR A 206 -20.94 -2.72 -11.71
CA THR A 206 -20.33 -3.99 -12.02
C THR A 206 -21.02 -5.10 -11.22
N GLN A 207 -20.45 -6.29 -11.24
CA GLN A 207 -20.98 -7.43 -10.49
C GLN A 207 -19.92 -7.92 -9.52
N MET A 208 -20.38 -8.56 -8.44
CA MET A 208 -19.50 -9.36 -7.60
C MET A 208 -19.41 -10.74 -8.24
N ILE A 209 -18.33 -10.97 -9.00
CA ILE A 209 -18.25 -12.17 -9.83
C ILE A 209 -18.20 -13.42 -8.96
N HIS A 210 -17.52 -13.37 -7.81
CA HIS A 210 -17.47 -14.52 -6.93
C HIS A 210 -17.07 -14.07 -5.53
N PHE A 211 -17.57 -14.80 -4.53
CA PHE A 211 -17.24 -14.60 -3.14
C PHE A 211 -16.35 -15.75 -2.70
N VAL A 212 -15.09 -15.45 -2.40
CA VAL A 212 -14.09 -16.46 -2.06
C VAL A 212 -14.11 -16.64 -0.55
N PRO A 213 -14.56 -17.78 -0.04
CA PRO A 213 -14.64 -17.97 1.42
C PRO A 213 -13.27 -18.17 2.04
N ARG A 214 -13.22 -18.02 3.36
CA ARG A 214 -12.03 -18.32 4.14
C ARG A 214 -12.02 -19.79 4.53
N ASP A 215 -10.94 -20.48 4.20
CA ASP A 215 -10.79 -21.89 4.51
C ASP A 215 -9.38 -22.14 5.03
N ASN A 216 -9.26 -23.09 5.96
CA ASN A 216 -7.95 -23.45 6.48
C ASN A 216 -7.11 -24.16 5.43
N VAL A 217 -7.75 -24.80 4.45
CA VAL A 217 -7.02 -25.52 3.42
C VAL A 217 -6.18 -24.56 2.58
N VAL A 218 -6.61 -23.30 2.48
CA VAL A 218 -5.81 -22.30 1.77
C VAL A 218 -4.46 -22.12 2.44
N GLN A 219 -4.47 -21.96 3.77
CA GLN A 219 -3.22 -21.81 4.49
C GLN A 219 -2.43 -23.11 4.50
N ARG A 220 -3.11 -24.25 4.57
CA ARG A 220 -2.41 -25.54 4.52
C ARG A 220 -1.66 -25.70 3.20
N ALA A 221 -2.28 -25.29 2.09
CA ALA A 221 -1.60 -25.33 0.80
C ALA A 221 -0.50 -24.28 0.71
N GLU A 222 -0.72 -23.11 1.34
CA GLU A 222 0.27 -22.05 1.27
C GLU A 222 1.53 -22.39 2.07
N ILE A 223 1.40 -23.18 3.13
CA ILE A 223 2.60 -23.67 3.84
C ILE A 223 3.45 -24.52 2.90
N ARG A 224 2.81 -25.31 2.05
CA ARG A 224 3.50 -26.15 1.09
C ARG A 224 3.86 -25.40 -0.18
N ARG A 225 3.68 -24.09 -0.22
CA ARG A 225 3.93 -23.27 -1.40
C ARG A 225 3.14 -23.78 -2.60
N MET A 226 1.87 -24.07 -2.38
CA MET A 226 1.03 -24.71 -3.38
C MET A 226 -0.35 -24.07 -3.36
N THR A 227 -1.10 -24.27 -4.44
CA THR A 227 -2.47 -23.83 -4.51
C THR A 227 -3.40 -24.89 -3.93
N VAL A 228 -4.63 -24.47 -3.61
CA VAL A 228 -5.63 -25.41 -3.11
C VAL A 228 -5.98 -26.44 -4.18
N ILE A 229 -6.00 -26.01 -5.45
CA ILE A 229 -6.35 -26.92 -6.54
C ILE A 229 -5.36 -28.06 -6.61
N GLU A 230 -4.07 -27.76 -6.52
CA GLU A 230 -3.06 -28.81 -6.57
C GLU A 230 -3.00 -29.60 -5.26
N TYR A 231 -3.08 -28.90 -4.12
CA TYR A 231 -2.89 -29.56 -2.84
C TYR A 231 -4.02 -30.54 -2.55
N ASP A 232 -5.26 -30.05 -2.52
CA ASP A 232 -6.45 -30.88 -2.29
C ASP A 232 -7.45 -30.59 -3.40
N PRO A 233 -7.38 -31.32 -4.51
CA PRO A 233 -8.35 -31.09 -5.60
C PRO A 233 -9.78 -31.37 -5.22
N LYS A 234 -10.03 -32.16 -4.17
CA LYS A 234 -11.38 -32.52 -3.76
C LYS A 234 -11.90 -31.67 -2.61
N ALA A 235 -11.18 -30.61 -2.24
CA ALA A 235 -11.63 -29.73 -1.17
C ALA A 235 -12.73 -28.81 -1.67
N LYS A 236 -13.51 -28.28 -0.71
CA LYS A 236 -14.59 -27.36 -1.06
C LYS A 236 -14.03 -26.05 -1.60
N GLN A 237 -12.91 -25.58 -1.05
CA GLN A 237 -12.30 -24.35 -1.56
C GLN A 237 -11.80 -24.53 -2.98
N ALA A 238 -11.37 -25.74 -3.35
CA ALA A 238 -11.04 -26.02 -4.74
C ALA A 238 -12.26 -25.82 -5.63
N ASP A 239 -13.43 -26.27 -5.16
CA ASP A 239 -14.66 -26.05 -5.92
C ASP A 239 -15.01 -24.58 -6.00
N GLU A 240 -14.74 -23.82 -4.94
CA GLU A 240 -14.98 -22.37 -4.99
C GLU A 240 -14.10 -21.71 -6.04
N TYR A 241 -12.82 -22.09 -6.07
CA TYR A 241 -11.92 -21.53 -7.08
C TYR A 241 -12.31 -21.99 -8.49
N ARG A 242 -12.80 -23.21 -8.64
CA ARG A 242 -13.28 -23.66 -9.94
C ARG A 242 -14.51 -22.89 -10.38
N ALA A 243 -15.42 -22.59 -9.45
CA ALA A 243 -16.58 -21.77 -9.78
C ALA A 243 -16.15 -20.38 -10.20
N LEU A 244 -15.18 -19.80 -9.49
CA LEU A 244 -14.65 -18.49 -9.87
C LEU A 244 -14.03 -18.54 -11.26
N ALA A 245 -13.27 -19.60 -11.55
CA ALA A 245 -12.65 -19.74 -12.86
C ALA A 245 -13.69 -19.85 -13.97
N ARG A 246 -14.74 -20.64 -13.73
CA ARG A 246 -15.80 -20.78 -14.73
C ARG A 246 -16.54 -19.47 -14.94
N LYS A 247 -16.77 -18.72 -13.87
CA LYS A 247 -17.47 -17.44 -14.00
C LYS A 247 -16.60 -16.39 -14.68
N VAL A 248 -15.29 -16.46 -14.50
CA VAL A 248 -14.39 -15.56 -15.22
C VAL A 248 -14.35 -15.93 -16.69
N VAL A 249 -14.31 -17.22 -17.01
CA VAL A 249 -14.30 -17.66 -18.39
C VAL A 249 -15.59 -17.24 -19.08
N ASP A 250 -16.73 -17.43 -18.42
CA ASP A 250 -18.03 -17.10 -18.98
C ASP A 250 -18.47 -15.67 -18.68
N ASN A 251 -17.53 -14.80 -18.31
CA ASN A 251 -17.88 -13.43 -18.00
C ASN A 251 -18.08 -12.62 -19.27
N LYS A 252 -19.26 -11.99 -19.39
CA LYS A 252 -19.56 -11.11 -20.51
C LYS A 252 -19.86 -9.68 -20.09
N LEU A 253 -20.06 -9.42 -18.80
CA LEU A 253 -20.39 -8.09 -18.31
C LEU A 253 -19.09 -7.32 -18.09
N LEU A 254 -18.67 -6.59 -19.12
CA LEU A 254 -17.49 -5.73 -19.06
C LEU A 254 -17.98 -4.29 -19.21
N VAL A 255 -17.89 -3.51 -18.13
CA VAL A 255 -18.55 -2.22 -18.05
C VAL A 255 -17.54 -1.15 -17.67
N ILE A 256 -17.90 0.09 -17.97
CA ILE A 256 -17.21 1.27 -17.44
C ILE A 256 -17.84 1.58 -16.09
N PRO A 257 -17.09 1.52 -14.99
CA PRO A 257 -17.71 1.67 -13.67
C PRO A 257 -18.15 3.10 -13.42
N ASN A 258 -18.95 3.27 -12.36
CA ASN A 258 -19.34 4.58 -11.86
C ASN A 258 -18.80 4.71 -10.44
N PRO A 259 -17.61 5.30 -10.26
CA PRO A 259 -17.04 5.40 -8.92
C PRO A 259 -17.92 6.23 -8.00
N ILE A 260 -17.96 5.83 -6.73
CA ILE A 260 -18.79 6.49 -5.74
C ILE A 260 -17.95 7.50 -4.97
N THR A 261 -18.63 8.43 -4.31
CA THR A 261 -17.94 9.39 -3.45
C THR A 261 -17.61 8.73 -2.11
N MET A 262 -16.81 9.43 -1.31
CA MET A 262 -16.44 8.91 -0.01
C MET A 262 -17.66 8.77 0.89
N ASP A 263 -18.59 9.74 0.82
CA ASP A 263 -19.79 9.68 1.64
C ASP A 263 -20.63 8.45 1.32
N GLU A 264 -20.75 8.11 0.03
CA GLU A 264 -21.49 6.92 -0.34
C GLU A 264 -20.84 5.66 0.20
N LEU A 265 -19.51 5.61 0.18
CA LEU A 265 -18.80 4.45 0.73
C LEU A 265 -19.01 4.32 2.23
N GLU A 266 -18.92 5.43 2.96
CA GLU A 266 -19.20 5.38 4.40
C GLU A 266 -20.65 5.01 4.67
N GLU A 267 -21.58 5.48 3.83
CA GLU A 267 -22.98 5.10 3.99
C GLU A 267 -23.18 3.61 3.78
N LEU A 268 -22.50 3.04 2.78
CA LEU A 268 -22.55 1.58 2.58
C LEU A 268 -22.05 0.84 3.80
N LEU A 269 -20.90 1.28 4.34
CA LEU A 269 -20.34 0.59 5.50
C LEU A 269 -21.24 0.74 6.72
N MET A 270 -21.86 1.90 6.90
CA MET A 270 -22.83 2.08 7.98
C MET A 270 -24.02 1.15 7.79
N GLU A 271 -24.51 1.03 6.55
CA GLU A 271 -25.67 0.19 6.28
C GLU A 271 -25.38 -1.27 6.60
N PHE A 272 -24.19 -1.75 6.26
CA PHE A 272 -23.86 -3.14 6.50
C PHE A 272 -23.09 -3.38 7.79
N GLY A 273 -23.04 -2.40 8.68
CA GLY A 273 -22.58 -2.62 10.03
C GLY A 273 -21.08 -2.63 10.23
N ILE A 274 -20.32 -1.94 9.37
CA ILE A 274 -18.87 -1.92 9.53
C ILE A 274 -18.39 -0.72 10.34
N MET A 275 -18.90 0.47 10.06
CA MET A 275 -18.53 1.64 10.85
C MET A 275 -19.78 2.35 11.38
N MET B 3 14.35 24.59 13.71
CA MET B 3 13.27 23.76 13.15
C MET B 3 13.81 22.40 12.73
N ARG B 4 13.17 21.34 13.19
CA ARG B 4 13.56 19.98 12.87
C ARG B 4 12.59 19.38 11.86
N GLN B 5 13.14 18.85 10.77
CA GLN B 5 12.35 18.31 9.67
C GLN B 5 12.38 16.79 9.77
N CYS B 6 11.21 16.20 10.02
CA CYS B 6 11.07 14.77 10.23
C CYS B 6 9.97 14.24 9.33
N ALA B 7 10.10 12.97 8.96
CA ALA B 7 9.09 12.26 8.18
C ALA B 7 8.74 10.98 8.91
N ILE B 8 7.45 10.80 9.16
CA ILE B 8 6.92 9.54 9.69
C ILE B 8 6.53 8.67 8.50
N TYR B 9 7.30 7.62 8.28
CA TYR B 9 7.06 6.65 7.22
C TYR B 9 6.43 5.40 7.81
N GLY B 10 5.82 4.59 6.94
CA GLY B 10 5.20 3.36 7.40
C GLY B 10 4.07 2.91 6.50
N LYS B 11 3.82 1.60 6.48
CA LYS B 11 2.75 1.06 5.66
C LYS B 11 1.40 1.43 6.26
N GLY B 12 0.36 1.34 5.42
CA GLY B 12 -0.97 1.66 5.87
C GLY B 12 -1.64 0.52 6.63
N GLY B 13 -2.65 0.89 7.41
CA GLY B 13 -3.41 -0.10 8.14
C GLY B 13 -2.88 -0.44 9.52
N ILE B 14 -1.83 0.24 9.97
CA ILE B 14 -1.23 -0.02 11.27
C ILE B 14 -1.38 1.16 12.22
N GLY B 15 -2.28 2.10 11.90
CA GLY B 15 -2.46 3.27 12.73
C GLY B 15 -1.27 4.20 12.78
N LYS B 16 -0.52 4.30 11.69
CA LYS B 16 0.62 5.21 11.64
C LYS B 16 0.17 6.66 11.73
N SER B 17 -0.89 7.02 11.01
CA SER B 17 -1.39 8.39 11.02
C SER B 17 -1.87 8.81 12.40
N THR B 18 -2.58 7.90 13.09
CA THR B 18 -3.06 8.21 14.43
C THR B 18 -1.90 8.42 15.39
N THR B 19 -0.88 7.57 15.30
CA THR B 19 0.30 7.72 16.14
C THR B 19 1.00 9.04 15.84
N THR B 20 1.11 9.40 14.57
CA THR B 20 1.75 10.66 14.19
C THR B 20 0.98 11.86 14.75
N GLN B 21 -0.35 11.84 14.64
CA GLN B 21 -1.14 12.96 15.12
C GLN B 21 -1.10 13.07 16.64
N ASN B 22 -1.11 11.93 17.34
CA ASN B 22 -1.01 11.97 18.80
C ASN B 22 0.37 12.43 19.24
N LEU B 23 1.41 12.01 18.51
CA LEU B 23 2.77 12.48 18.81
C LEU B 23 2.88 13.99 18.63
N VAL B 24 2.28 14.51 17.56
CA VAL B 24 2.33 15.95 17.30
C VAL B 24 1.51 16.71 18.35
N ALA B 25 0.38 16.14 18.77
CA ALA B 25 -0.41 16.76 19.84
C ALA B 25 0.37 16.81 21.15
N ALA B 26 1.08 15.73 21.47
CA ALA B 26 1.91 15.71 22.67
C ALA B 26 3.06 16.71 22.55
N LEU B 27 3.61 16.87 21.34
CA LEU B 27 4.66 17.85 21.13
C LEU B 27 4.14 19.27 21.35
N ALA B 28 2.99 19.59 20.76
CA ALA B 28 2.40 20.90 20.96
C ALA B 28 1.97 21.13 22.41
N GLU B 29 1.68 20.05 23.13
CA GLU B 29 1.33 20.18 24.54
C GLU B 29 2.54 20.57 25.38
N MET B 30 3.75 20.28 24.89
CA MET B 30 4.98 20.66 25.57
C MET B 30 5.46 22.05 25.19
N GLY B 31 4.82 22.71 24.24
CA GLY B 31 5.20 24.05 23.84
C GLY B 31 5.88 24.17 22.50
N LYS B 32 5.99 23.09 21.74
CA LYS B 32 6.65 23.12 20.44
C LYS B 32 5.66 23.49 19.35
N LYS B 33 6.10 24.33 18.42
CA LYS B 33 5.30 24.73 17.27
C LYS B 33 5.53 23.72 16.15
N VAL B 34 4.50 22.94 15.84
CA VAL B 34 4.60 21.86 14.88
C VAL B 34 3.72 22.15 13.67
N MET B 35 4.18 21.69 12.51
CA MET B 35 3.38 21.70 11.29
C MET B 35 3.36 20.31 10.69
N ILE B 36 2.15 19.78 10.47
CA ILE B 36 1.97 18.46 9.85
C ILE B 36 1.70 18.67 8.36
N VAL B 37 2.47 17.98 7.53
CA VAL B 37 2.23 17.91 6.09
C VAL B 37 1.80 16.49 5.79
N GLY B 38 0.55 16.33 5.36
CA GLY B 38 0.03 15.01 5.02
C GLY B 38 0.37 14.61 3.60
N CYS B 39 1.17 13.54 3.45
CA CYS B 39 1.63 13.10 2.15
C CYS B 39 1.04 11.75 1.75
N ASP B 40 -0.11 11.36 2.33
CA ASP B 40 -0.77 10.15 1.91
C ASP B 40 -1.85 10.48 0.89
N PRO B 41 -2.06 9.64 -0.13
CA PRO B 41 -3.12 9.91 -1.11
C PRO B 41 -4.51 9.97 -0.50
N LYS B 42 -4.79 9.17 0.54
CA LYS B 42 -6.09 9.19 1.19
C LYS B 42 -6.25 10.35 2.18
N ALA B 43 -5.15 11.01 2.55
CA ALA B 43 -5.19 12.31 3.22
C ALA B 43 -5.97 12.25 4.53
N ASP B 44 -5.46 11.46 5.48
CA ASP B 44 -6.03 11.39 6.82
C ASP B 44 -5.03 11.83 7.89
N SER B 45 -3.98 12.54 7.50
CA SER B 45 -2.90 12.85 8.43
C SER B 45 -3.18 14.02 9.34
N THR B 46 -4.27 14.75 9.12
CA THR B 46 -4.57 15.96 9.89
C THR B 46 -5.99 15.99 10.44
N ARG B 47 -6.73 14.87 10.36
CA ARG B 47 -8.12 14.89 10.78
C ARG B 47 -8.27 15.07 12.28
N LEU B 48 -7.47 14.34 13.08
CA LEU B 48 -7.63 14.39 14.53
C LEU B 48 -7.17 15.73 15.10
N ILE B 49 -6.17 16.36 14.48
CA ILE B 49 -5.74 17.68 14.95
C ILE B 49 -6.78 18.74 14.63
N LEU B 50 -7.36 18.68 13.42
CA LEU B 50 -8.29 19.68 12.95
C LEU B 50 -9.74 19.39 13.31
N HIS B 51 -10.03 18.21 13.87
CA HIS B 51 -11.40 17.79 14.18
C HIS B 51 -12.28 17.82 12.94
N SER B 52 -11.71 17.43 11.80
CA SER B 52 -12.40 17.48 10.53
C SER B 52 -12.62 16.08 9.98
N LYS B 53 -13.73 15.91 9.25
CA LYS B 53 -13.97 14.64 8.57
C LYS B 53 -12.89 14.37 7.52
N ALA B 54 -12.52 15.39 6.75
CA ALA B 54 -11.45 15.31 5.78
C ALA B 54 -10.99 16.71 5.40
N GLN B 55 -9.72 17.02 5.64
CA GLN B 55 -9.22 18.35 5.30
C GLN B 55 -9.07 18.48 3.79
N ASN B 56 -9.39 19.67 3.29
CA ASN B 56 -9.25 19.94 1.86
C ASN B 56 -7.77 19.99 1.48
N THR B 57 -7.37 19.12 0.55
CA THR B 57 -5.98 18.96 0.18
C THR B 57 -5.55 20.01 -0.84
N ILE B 58 -4.24 20.11 -1.03
CA ILE B 58 -3.67 21.12 -1.93
C ILE B 58 -4.07 20.84 -3.36
N MET B 59 -4.08 19.56 -3.77
CA MET B 59 -4.45 19.22 -5.14
C MET B 59 -5.90 19.59 -5.42
N GLU B 60 -6.79 19.35 -4.46
CA GLU B 60 -8.20 19.69 -4.66
C GLU B 60 -8.40 21.19 -4.85
N MET B 61 -7.78 21.99 -3.99
CA MET B 61 -7.87 23.44 -4.13
C MET B 61 -7.21 23.94 -5.41
N ALA B 62 -6.10 23.33 -5.81
CA ALA B 62 -5.48 23.69 -7.08
C ALA B 62 -6.42 23.42 -8.24
N ALA B 63 -7.09 22.26 -8.22
CA ALA B 63 -8.05 21.96 -9.28
C ALA B 63 -9.22 22.94 -9.28
N GLU B 64 -9.72 23.29 -8.10
CA GLU B 64 -10.86 24.20 -8.03
C GLU B 64 -10.47 25.62 -8.42
N ALA B 65 -9.22 26.01 -8.16
CA ALA B 65 -8.75 27.35 -8.44
C ALA B 65 -7.93 27.43 -9.73
N GLY B 66 -7.88 26.36 -10.51
CA GLY B 66 -7.14 26.37 -11.75
C GLY B 66 -5.71 25.90 -11.60
N THR B 67 -4.96 26.53 -10.69
CA THR B 67 -3.57 26.18 -10.46
C THR B 67 -3.18 26.57 -9.05
N VAL B 68 -2.01 26.09 -8.62
CA VAL B 68 -1.50 26.39 -7.29
C VAL B 68 -1.14 27.88 -7.17
N GLU B 69 -0.71 28.50 -8.27
CA GLU B 69 -0.31 29.90 -8.21
C GLU B 69 -1.47 30.83 -7.91
N ASP B 70 -2.70 30.33 -7.98
CA ASP B 70 -3.89 31.09 -7.60
C ASP B 70 -4.43 30.69 -6.24
N LEU B 71 -3.60 30.09 -5.40
CA LEU B 71 -4.00 29.63 -4.07
C LEU B 71 -3.45 30.54 -2.99
N GLU B 72 -4.09 30.48 -1.82
CA GLU B 72 -3.68 31.25 -0.65
C GLU B 72 -3.40 30.31 0.51
N LEU B 73 -2.44 30.69 1.34
CA LEU B 73 -2.05 29.83 2.46
C LEU B 73 -3.18 29.70 3.49
N GLU B 74 -4.11 30.66 3.51
CA GLU B 74 -5.19 30.61 4.49
C GLU B 74 -6.08 29.39 4.27
N ASP B 75 -6.42 29.10 3.01
CA ASP B 75 -7.24 27.93 2.71
C ASP B 75 -6.43 26.64 2.73
N VAL B 76 -5.12 26.73 2.56
CA VAL B 76 -4.26 25.55 2.52
C VAL B 76 -3.80 25.16 3.92
N LEU B 77 -3.29 26.13 4.67
CA LEU B 77 -2.69 25.89 5.99
C LEU B 77 -3.75 26.16 7.06
N LYS B 78 -4.06 25.13 7.85
CA LYS B 78 -5.06 25.23 8.89
C LYS B 78 -4.43 24.91 10.24
N ALA B 79 -4.86 25.63 11.26
CA ALA B 79 -4.36 25.43 12.62
C ALA B 79 -5.37 24.64 13.44
N GLY B 80 -4.90 23.57 14.09
CA GLY B 80 -5.77 22.72 14.86
C GLY B 80 -5.51 22.78 16.35
N TYR B 81 -5.48 21.61 17.00
CA TYR B 81 -5.26 21.55 18.43
C TYR B 81 -3.86 22.02 18.78
N GLY B 82 -3.76 22.84 19.83
CA GLY B 82 -2.47 23.28 20.31
C GLY B 82 -1.69 24.15 19.34
N GLY B 83 -2.37 24.74 18.37
CA GLY B 83 -1.70 25.57 17.39
C GLY B 83 -1.01 24.80 16.28
N VAL B 84 -1.23 23.49 16.19
CA VAL B 84 -0.58 22.70 15.14
C VAL B 84 -1.12 23.11 13.78
N LYS B 85 -0.21 23.42 12.87
CA LYS B 85 -0.58 23.84 11.52
C LYS B 85 -0.59 22.63 10.61
N CYS B 86 -1.71 22.45 9.89
CA CYS B 86 -1.98 21.21 9.18
C CYS B 86 -2.08 21.45 7.68
N VAL B 87 -1.40 20.63 6.89
CA VAL B 87 -1.48 20.66 5.44
C VAL B 87 -1.65 19.23 4.93
N GLU B 88 -2.54 19.06 3.96
CA GLU B 88 -2.64 17.82 3.20
C GLU B 88 -2.11 18.08 1.80
N SER B 89 -1.07 17.35 1.41
CA SER B 89 -0.45 17.58 0.11
C SER B 89 -1.41 17.27 -1.03
N GLY B 90 -2.20 16.21 -0.90
CA GLY B 90 -3.12 15.83 -1.95
C GLY B 90 -2.63 14.64 -2.76
N GLY B 91 -3.44 13.60 -2.82
CA GLY B 91 -3.09 12.42 -3.57
C GLY B 91 -3.14 12.64 -5.05
N PRO B 92 -2.51 11.76 -5.81
CA PRO B 92 -2.54 11.88 -7.27
C PRO B 92 -3.93 11.56 -7.83
N GLU B 93 -4.20 12.10 -9.00
CA GLU B 93 -5.40 11.71 -9.73
C GLU B 93 -5.32 10.23 -10.03
N PRO B 94 -6.32 9.43 -9.65
CA PRO B 94 -6.17 7.97 -9.70
C PRO B 94 -5.86 7.46 -11.10
N GLY B 95 -4.73 6.77 -11.23
CA GLY B 95 -4.33 6.15 -12.48
C GLY B 95 -3.50 7.01 -13.40
N VAL B 96 -3.30 8.30 -13.09
CA VAL B 96 -2.60 9.22 -13.97
C VAL B 96 -1.36 9.80 -13.32
N GLY B 97 -1.53 10.56 -12.24
CA GLY B 97 -0.42 11.26 -11.64
C GLY B 97 0.46 10.38 -10.78
N CYS B 98 1.61 10.94 -10.40
CA CYS B 98 2.52 10.31 -9.47
C CYS B 98 2.26 10.89 -8.09
N ALA B 99 2.14 10.01 -7.09
CA ALA B 99 1.86 10.47 -5.73
C ALA B 99 2.97 11.36 -5.19
N GLY B 100 4.17 11.28 -5.73
CA GLY B 100 5.28 12.07 -5.26
C GLY B 100 5.40 13.45 -5.86
N ARG B 101 4.61 13.79 -6.89
CA ARG B 101 4.64 15.13 -7.43
C ARG B 101 3.64 16.05 -6.74
N GLY B 102 2.56 15.49 -6.19
CA GLY B 102 1.71 16.27 -5.31
C GLY B 102 2.47 16.75 -4.08
N VAL B 103 3.33 15.90 -3.53
CA VAL B 103 4.17 16.30 -2.40
C VAL B 103 5.15 17.38 -2.83
N ILE B 104 5.73 17.26 -4.03
CA ILE B 104 6.62 18.30 -4.56
C ILE B 104 5.89 19.62 -4.63
N THR B 105 4.69 19.62 -5.21
CA THR B 105 3.91 20.83 -5.37
C THR B 105 3.55 21.44 -4.01
N ALA B 106 3.13 20.59 -3.06
CA ALA B 106 2.74 21.08 -1.75
C ALA B 106 3.91 21.70 -1.01
N ILE B 107 5.07 21.02 -1.02
CA ILE B 107 6.23 21.54 -0.31
C ILE B 107 6.72 22.83 -0.96
N ASN B 108 6.74 22.88 -2.29
CA ASN B 108 7.15 24.11 -2.97
C ASN B 108 6.20 25.26 -2.65
N PHE B 109 4.90 25.00 -2.66
CA PHE B 109 3.93 26.05 -2.35
C PHE B 109 4.09 26.53 -0.91
N LEU B 110 4.30 25.61 0.02
CA LEU B 110 4.51 26.01 1.41
C LEU B 110 5.80 26.80 1.57
N GLU B 111 6.82 26.50 0.76
CA GLU B 111 8.06 27.25 0.83
C GLU B 111 7.89 28.66 0.28
N GLU B 112 7.16 28.81 -0.83
CA GLU B 112 6.90 30.15 -1.35
C GLU B 112 6.04 30.97 -0.38
N GLU B 113 5.03 30.34 0.22
CA GLU B 113 4.13 31.06 1.11
C GLU B 113 4.78 31.43 2.44
N GLY B 114 5.98 30.93 2.73
CA GLY B 114 6.63 31.24 3.97
C GLY B 114 6.04 30.53 5.18
N ALA B 115 5.42 29.37 4.98
CA ALA B 115 4.87 28.60 6.09
C ALA B 115 5.92 27.82 6.85
N TYR B 116 7.15 27.76 6.34
CA TYR B 116 8.22 27.03 6.99
C TYR B 116 9.07 27.90 7.91
N GLU B 117 8.71 29.16 8.10
CA GLU B 117 9.45 30.04 8.99
C GLU B 117 8.53 30.60 10.07
N LEU B 120 8.39 27.83 14.02
CA LEU B 120 8.22 26.40 13.88
C LEU B 120 9.38 25.62 14.47
N ASP B 121 9.07 24.73 15.40
CA ASP B 121 10.06 23.83 15.97
C ASP B 121 10.15 22.49 15.25
N PHE B 122 9.04 22.00 14.71
CA PHE B 122 9.01 20.73 14.03
C PHE B 122 8.13 20.80 12.80
N VAL B 123 8.59 20.17 11.72
CA VAL B 123 7.75 19.86 10.57
C VAL B 123 7.74 18.34 10.45
N PHE B 124 6.54 17.77 10.38
CA PHE B 124 6.37 16.33 10.27
C PHE B 124 5.64 16.00 8.98
N TYR B 125 6.30 15.29 8.08
CA TYR B 125 5.70 14.79 6.85
C TYR B 125 5.19 13.39 7.11
N ASP B 126 3.89 13.19 7.06
CA ASP B 126 3.31 11.85 7.19
C ASP B 126 3.31 11.23 5.80
N VAL B 127 4.24 10.31 5.56
CA VAL B 127 4.43 9.72 4.23
C VAL B 127 4.10 8.24 4.29
N LEU B 128 3.24 7.80 3.37
CA LEU B 128 2.86 6.39 3.32
C LEU B 128 4.01 5.55 2.79
N GLY B 129 4.26 4.42 3.46
CA GLY B 129 5.37 3.56 3.08
C GLY B 129 4.98 2.19 2.58
N ASP B 130 3.78 2.07 2.01
CA ASP B 130 3.35 0.80 1.44
C ASP B 130 4.25 0.36 0.31
N VAL B 131 4.47 1.25 -0.66
CA VAL B 131 5.43 1.04 -1.74
C VAL B 131 6.47 2.15 -1.65
N VAL B 132 7.74 1.76 -1.61
CA VAL B 132 8.84 2.71 -1.47
C VAL B 132 9.38 2.94 -2.87
N CYS B 133 8.82 3.95 -3.54
CA CYS B 133 9.19 4.31 -4.90
C CYS B 133 9.84 5.68 -4.91
N GLY B 134 10.25 6.12 -6.10
CA GLY B 134 10.86 7.43 -6.23
C GLY B 134 9.91 8.56 -5.89
N GLY B 135 8.61 8.33 -6.11
CA GLY B 135 7.63 9.37 -5.81
C GLY B 135 7.41 9.53 -4.31
N PHE B 136 7.07 8.43 -3.64
CA PHE B 136 6.80 8.47 -2.21
C PHE B 136 8.02 8.80 -1.37
N ALA B 137 9.22 8.65 -1.93
CA ALA B 137 10.46 9.01 -1.24
C ALA B 137 10.92 10.42 -1.58
N MET B 138 9.99 11.31 -1.98
CA MET B 138 10.40 12.68 -2.32
C MET B 138 10.99 13.43 -1.14
N PRO B 139 10.39 13.45 0.05
CA PRO B 139 11.02 14.19 1.16
C PRO B 139 12.42 13.70 1.48
N ILE B 140 12.67 12.39 1.37
CA ILE B 140 14.02 11.88 1.56
C ILE B 140 14.93 12.31 0.41
N ARG B 141 14.45 12.18 -0.83
CA ARG B 141 15.29 12.51 -1.98
C ARG B 141 15.53 14.01 -2.09
N GLU B 142 14.50 14.82 -1.91
CA GLU B 142 14.60 16.26 -2.08
C GLU B 142 15.14 16.96 -0.83
N ASN B 143 15.60 16.20 0.17
CA ASN B 143 16.21 16.74 1.38
C ASN B 143 15.23 17.62 2.15
N LYS B 144 13.95 17.28 2.06
CA LYS B 144 12.92 18.00 2.82
C LYS B 144 12.75 17.47 4.22
N ALA B 145 13.04 16.19 4.45
CA ALA B 145 12.96 15.58 5.76
C ALA B 145 14.35 15.06 6.14
N GLN B 146 14.81 15.43 7.33
CA GLN B 146 16.14 15.05 7.79
C GLN B 146 16.14 13.89 8.77
N GLU B 147 15.10 13.74 9.57
CA GLU B 147 14.99 12.61 10.50
C GLU B 147 13.79 11.78 10.10
N ILE B 148 14.01 10.49 9.86
CA ILE B 148 12.95 9.58 9.44
C ILE B 148 12.61 8.66 10.62
N TYR B 149 11.34 8.62 10.98
CA TYR B 149 10.83 7.69 11.98
C TYR B 149 9.85 6.76 11.30
N ILE B 150 10.11 5.45 11.40
CA ILE B 150 9.30 4.44 10.75
C ILE B 150 8.37 3.83 11.79
N VAL B 151 7.07 3.95 11.55
CA VAL B 151 6.06 3.31 12.38
C VAL B 151 5.81 1.92 11.79
N CYS B 152 6.01 0.89 12.61
CA CYS B 152 5.89 -0.48 12.13
C CYS B 152 5.16 -1.29 13.20
N SER B 153 5.12 -2.60 12.99
CA SER B 153 4.46 -3.52 13.92
C SER B 153 5.08 -4.90 13.74
N GLY B 154 4.56 -5.87 14.50
CA GLY B 154 5.07 -7.22 14.42
C GLY B 154 4.70 -7.97 13.17
N GLU B 155 3.76 -7.45 12.39
CA GLU B 155 3.35 -8.12 11.16
C GLU B 155 4.47 -8.10 10.13
N MET B 156 4.43 -9.06 9.22
CA MET B 156 5.47 -9.19 8.20
C MET B 156 5.54 -7.96 7.30
N MET B 157 4.39 -7.49 6.84
CA MET B 157 4.37 -6.39 5.88
C MET B 157 4.94 -5.11 6.46
N ALA B 158 4.67 -4.83 7.73
CA ALA B 158 5.21 -3.63 8.36
C ALA B 158 6.73 -3.68 8.42
N MET B 159 7.30 -4.84 8.75
CA MET B 159 8.75 -4.96 8.83
C MET B 159 9.38 -4.89 7.44
N TYR B 160 8.70 -5.48 6.44
CA TYR B 160 9.19 -5.36 5.07
C TYR B 160 9.19 -3.91 4.60
N ALA B 161 8.13 -3.17 4.92
CA ALA B 161 8.07 -1.76 4.57
C ALA B 161 9.16 -0.96 5.29
N ALA B 162 9.40 -1.28 6.57
CA ALA B 162 10.48 -0.62 7.30
C ALA B 162 11.83 -0.88 6.66
N ASN B 163 12.07 -2.12 6.24
CA ASN B 163 13.33 -2.45 5.57
C ASN B 163 13.47 -1.70 4.25
N ASN B 164 12.38 -1.60 3.49
CA ASN B 164 12.44 -0.87 2.22
C ASN B 164 12.69 0.63 2.43
N ILE B 165 12.03 1.21 3.43
CA ILE B 165 12.28 2.62 3.75
C ILE B 165 13.72 2.81 4.19
N SER B 166 14.26 1.84 4.94
CA SER B 166 15.67 1.90 5.33
C SER B 166 16.57 1.83 4.10
N LYS B 167 16.20 1.02 3.11
CA LYS B 167 16.97 0.98 1.87
C LYS B 167 16.96 2.34 1.16
N GLY B 168 15.80 2.99 1.12
CA GLY B 168 15.74 4.32 0.53
C GLY B 168 16.59 5.33 1.28
N ILE B 169 16.53 5.27 2.62
CA ILE B 169 17.36 6.16 3.44
C ILE B 169 18.84 5.91 3.18
N VAL B 170 19.22 4.64 3.01
CA VAL B 170 20.61 4.31 2.69
C VAL B 170 21.00 4.89 1.35
N LYS B 171 20.11 4.79 0.36
CA LYS B 171 20.42 5.32 -0.97
C LYS B 171 20.63 6.82 -0.94
N TYR B 172 19.79 7.54 -0.21
CA TYR B 172 19.88 8.99 -0.17
C TYR B 172 20.70 9.55 0.99
N ALA B 173 21.33 8.69 1.79
CA ALA B 173 22.09 9.14 2.95
C ALA B 173 23.57 9.34 2.65
N ASN B 174 24.11 8.61 1.66
CA ASN B 174 25.52 8.78 1.32
C ASN B 174 25.76 10.03 0.49
N SER B 175 24.70 10.72 0.07
CA SER B 175 24.81 11.96 -0.68
C SER B 175 24.13 13.14 0.01
N GLY B 176 23.02 12.90 0.72
CA GLY B 176 22.37 13.90 1.51
C GLY B 176 22.68 13.75 2.99
N SER B 177 21.82 14.35 3.81
CA SER B 177 21.96 14.27 5.27
C SER B 177 20.74 13.65 5.93
N VAL B 178 19.96 12.87 5.20
CA VAL B 178 18.78 12.22 5.75
C VAL B 178 19.22 11.00 6.55
N ARG B 179 18.70 10.87 7.76
CA ARG B 179 19.07 9.80 8.67
C ARG B 179 17.82 9.17 9.26
N LEU B 180 17.99 7.96 9.79
CA LEU B 180 16.92 7.23 10.45
C LEU B 180 17.05 7.43 11.95
N GLY B 181 16.03 8.02 12.57
CA GLY B 181 16.10 8.34 13.98
C GLY B 181 15.49 7.29 14.89
N GLY B 182 15.00 6.20 14.32
CA GLY B 182 14.46 5.13 15.12
C GLY B 182 13.19 4.57 14.52
N LEU B 183 12.71 3.50 15.16
CA LEU B 183 11.50 2.80 14.76
C LEU B 183 10.45 2.95 15.86
N ILE B 184 9.23 3.28 15.47
CA ILE B 184 8.11 3.35 16.40
C ILE B 184 7.29 2.07 16.21
N CYS B 185 7.11 1.30 17.28
CA CYS B 185 6.36 0.06 17.21
C CYS B 185 4.90 0.35 17.55
N ASN B 186 4.03 0.25 16.55
CA ASN B 186 2.60 0.36 16.76
C ASN B 186 2.08 -1.03 17.12
N SER B 187 1.80 -1.25 18.40
CA SER B 187 1.41 -2.56 18.87
C SER B 187 0.13 -3.02 18.19
N ARG B 188 0.08 -4.32 17.89
CA ARG B 188 -1.14 -4.98 17.43
C ARG B 188 -1.56 -6.07 18.41
N ASN B 189 -1.18 -5.94 19.69
CA ASN B 189 -1.44 -6.93 20.72
C ASN B 189 -0.82 -8.28 20.38
N THR B 190 0.30 -8.26 19.66
CA THR B 190 1.01 -9.47 19.30
C THR B 190 2.06 -9.79 20.36
N ASP B 191 2.14 -11.07 20.73
CA ASP B 191 3.12 -11.49 21.73
C ASP B 191 4.54 -11.34 21.19
N ARG B 192 5.44 -10.85 22.05
CA ARG B 192 6.84 -10.61 21.70
C ARG B 192 6.97 -9.65 20.52
N GLU B 193 6.08 -8.68 20.42
CA GLU B 193 6.16 -7.70 19.34
C GLU B 193 7.20 -6.64 19.64
N ASP B 194 7.27 -6.17 20.89
CA ASP B 194 8.29 -5.20 21.27
C ASP B 194 9.68 -5.79 21.12
N GLU B 195 9.87 -7.04 21.55
CA GLU B 195 11.18 -7.68 21.41
C GLU B 195 11.55 -7.87 19.94
N LEU B 196 10.58 -8.26 19.11
CA LEU B 196 10.84 -8.42 17.69
C LEU B 196 11.23 -7.10 17.04
N ILE B 197 10.53 -6.02 17.38
CA ILE B 197 10.85 -4.72 16.79
C ILE B 197 12.19 -4.21 17.31
N ILE B 198 12.52 -4.48 18.57
CA ILE B 198 13.83 -4.13 19.10
C ILE B 198 14.93 -4.86 18.34
N ALA B 199 14.72 -6.15 18.09
CA ALA B 199 15.69 -6.92 17.33
C ALA B 199 15.84 -6.41 15.90
N LEU B 200 14.72 -6.06 15.27
CA LEU B 200 14.77 -5.49 13.93
C LEU B 200 15.53 -4.17 13.93
N ALA B 201 15.30 -3.32 14.92
CA ALA B 201 16.01 -2.05 15.02
C ALA B 201 17.50 -2.27 15.24
N ASN B 202 17.85 -3.24 16.08
CA ASN B 202 19.26 -3.54 16.31
C ASN B 202 19.93 -4.06 15.04
N LYS B 203 19.19 -4.84 14.24
CA LYS B 203 19.74 -5.32 12.97
C LYS B 203 19.90 -4.18 11.99
N LEU B 204 18.95 -3.23 11.98
CA LEU B 204 19.04 -2.07 11.11
C LEU B 204 20.10 -1.07 11.56
N GLY B 205 20.65 -1.23 12.75
CA GLY B 205 21.60 -0.27 13.26
C GLY B 205 20.98 0.93 13.95
N THR B 206 19.70 0.88 14.26
CA THR B 206 18.95 1.96 14.86
C THR B 206 18.30 1.46 16.15
N GLN B 207 17.38 2.26 16.70
CA GLN B 207 16.74 1.95 17.96
C GLN B 207 15.23 1.92 17.78
N MET B 208 14.56 1.11 18.60
CA MET B 208 13.11 1.22 18.73
C MET B 208 12.83 2.35 19.71
N ILE B 209 12.51 3.53 19.17
CA ILE B 209 12.45 4.73 20.00
C ILE B 209 11.31 4.62 21.01
N HIS B 210 10.19 4.03 20.63
CA HIS B 210 9.10 3.86 21.57
C HIS B 210 8.21 2.71 21.12
N PHE B 211 7.59 2.05 22.10
CA PHE B 211 6.59 1.02 21.87
C PHE B 211 5.22 1.61 22.20
N VAL B 212 4.40 1.82 21.18
CA VAL B 212 3.08 2.41 21.34
C VAL B 212 2.07 1.29 21.54
N PRO B 213 1.47 1.17 22.72
CA PRO B 213 0.56 0.04 22.97
C PRO B 213 -0.79 0.26 22.30
N ARG B 214 -1.59 -0.80 22.31
CA ARG B 214 -2.98 -0.71 21.89
C ARG B 214 -3.85 -0.31 23.08
N ASP B 215 -4.63 0.76 22.91
CA ASP B 215 -5.52 1.23 23.95
C ASP B 215 -6.87 1.58 23.32
N ASN B 216 -7.94 1.29 24.06
CA ASN B 216 -9.27 1.62 23.56
C ASN B 216 -9.50 3.12 23.51
N VAL B 217 -8.85 3.88 24.40
CA VAL B 217 -9.01 5.33 24.42
C VAL B 217 -8.56 5.96 23.11
N VAL B 218 -7.64 5.30 22.39
CA VAL B 218 -7.25 5.79 21.06
C VAL B 218 -8.47 5.77 20.14
N GLN B 219 -9.22 4.69 20.15
CA GLN B 219 -10.41 4.60 19.30
C GLN B 219 -11.51 5.52 19.78
N ARG B 220 -11.66 5.66 21.10
CA ARG B 220 -12.64 6.60 21.63
C ARG B 220 -12.34 8.03 21.22
N ALA B 221 -11.06 8.40 21.21
CA ALA B 221 -10.69 9.74 20.76
C ALA B 221 -10.85 9.88 19.25
N GLU B 222 -10.52 8.85 18.48
CA GLU B 222 -10.65 8.91 17.03
C GLU B 222 -12.11 9.02 16.60
N ILE B 223 -13.02 8.41 17.35
CA ILE B 223 -14.45 8.55 17.04
C ILE B 223 -14.86 10.02 17.14
N ARG B 224 -14.35 10.74 18.14
CA ARG B 224 -14.60 12.15 18.30
C ARG B 224 -13.68 13.01 17.44
N ARG B 225 -12.90 12.40 16.56
CA ARG B 225 -12.05 13.11 15.61
C ARG B 225 -11.01 13.97 16.32
N MET B 226 -10.45 13.44 17.41
CA MET B 226 -9.45 14.15 18.20
C MET B 226 -8.39 13.15 18.65
N THR B 227 -7.26 13.68 19.09
CA THR B 227 -6.20 12.84 19.62
C THR B 227 -6.44 12.53 21.10
N VAL B 228 -5.74 11.52 21.60
CA VAL B 228 -5.87 11.14 23.00
C VAL B 228 -5.36 12.26 23.90
N ILE B 229 -4.41 13.05 23.43
CA ILE B 229 -3.86 14.14 24.22
C ILE B 229 -4.95 15.17 24.51
N GLU B 230 -5.75 15.50 23.50
CA GLU B 230 -6.83 16.46 23.70
C GLU B 230 -8.05 15.81 24.36
N TYR B 231 -8.40 14.59 23.92
CA TYR B 231 -9.59 13.94 24.45
C TYR B 231 -9.46 13.66 25.94
N ASP B 232 -8.49 12.82 26.32
CA ASP B 232 -8.26 12.46 27.71
C ASP B 232 -6.80 12.75 28.06
N PRO B 233 -6.51 13.98 28.51
CA PRO B 233 -5.12 14.30 28.90
C PRO B 233 -4.59 13.44 30.03
N LYS B 234 -5.45 12.96 30.93
CA LYS B 234 -5.02 12.19 32.10
C LYS B 234 -5.07 10.68 31.85
N ALA B 235 -5.00 10.26 30.59
CA ALA B 235 -5.00 8.85 30.27
C ALA B 235 -3.58 8.32 30.19
N LYS B 236 -3.47 6.98 30.29
CA LYS B 236 -2.15 6.34 30.20
C LYS B 236 -1.59 6.44 28.79
N GLN B 237 -2.44 6.29 27.78
CA GLN B 237 -1.96 6.39 26.40
C GLN B 237 -1.46 7.80 26.09
N ALA B 238 -2.07 8.83 26.70
CA ALA B 238 -1.54 10.17 26.57
C ALA B 238 -0.13 10.25 27.13
N ASP B 239 0.12 9.57 28.25
CA ASP B 239 1.47 9.52 28.81
C ASP B 239 2.44 8.78 27.89
N GLU B 240 1.96 7.71 27.24
CA GLU B 240 2.81 7.01 26.27
C GLU B 240 3.18 7.92 25.10
N TYR B 241 2.22 8.68 24.59
CA TYR B 241 2.50 9.60 23.50
C TYR B 241 3.42 10.73 23.96
N ARG B 242 3.27 11.18 25.20
CA ARG B 242 4.18 12.19 25.74
C ARG B 242 5.60 11.65 25.86
N ALA B 243 5.74 10.39 26.28
CA ALA B 243 7.06 9.76 26.35
C ALA B 243 7.67 9.66 24.96
N LEU B 244 6.87 9.27 23.97
CA LEU B 244 7.36 9.22 22.59
C LEU B 244 7.79 10.60 22.11
N ALA B 245 7.00 11.63 22.43
CA ALA B 245 7.33 12.98 22.00
C ALA B 245 8.62 13.47 22.61
N ARG B 246 8.81 13.23 23.93
CA ARG B 246 10.02 13.69 24.57
C ARG B 246 11.23 12.86 24.17
N LYS B 247 11.01 11.62 23.74
CA LYS B 247 12.12 10.84 23.19
C LYS B 247 12.47 11.29 21.78
N VAL B 248 11.48 11.78 21.03
CA VAL B 248 11.76 12.34 19.71
C VAL B 248 12.51 13.66 19.83
N VAL B 249 12.11 14.50 20.78
CA VAL B 249 12.79 15.78 20.99
C VAL B 249 14.24 15.54 21.39
N ASP B 250 14.47 14.64 22.35
CA ASP B 250 15.80 14.38 22.85
C ASP B 250 16.58 13.39 21.99
N ASN B 251 16.08 13.05 20.81
CA ASN B 251 16.74 12.05 19.98
C ASN B 251 18.01 12.65 19.35
N LYS B 252 19.13 11.96 19.57
CA LYS B 252 20.40 12.34 18.96
C LYS B 252 21.03 11.22 18.15
N LEU B 253 20.47 10.01 18.20
CA LEU B 253 21.05 8.85 17.50
C LEU B 253 20.41 8.78 16.11
N LEU B 254 21.05 9.43 15.15
CA LEU B 254 20.58 9.47 13.77
C LEU B 254 21.61 8.73 12.91
N VAL B 255 21.22 7.59 12.36
CA VAL B 255 22.16 6.66 11.76
C VAL B 255 21.81 6.44 10.29
N ILE B 256 22.78 5.93 9.55
CA ILE B 256 22.55 5.35 8.24
C ILE B 256 22.24 3.87 8.44
N PRO B 257 21.04 3.40 8.14
CA PRO B 257 20.65 2.05 8.52
C PRO B 257 21.41 0.99 7.73
N ASN B 258 21.33 -0.24 8.21
CA ASN B 258 21.82 -1.42 7.50
C ASN B 258 20.62 -2.31 7.20
N PRO B 259 20.01 -2.20 6.02
CA PRO B 259 18.84 -3.02 5.71
C PRO B 259 19.19 -4.50 5.68
N ILE B 260 18.26 -5.31 6.17
CA ILE B 260 18.46 -6.75 6.27
C ILE B 260 17.82 -7.43 5.06
N THR B 261 18.30 -8.64 4.77
CA THR B 261 17.84 -9.37 3.61
C THR B 261 16.51 -10.07 3.90
N MET B 262 16.01 -10.78 2.89
CA MET B 262 14.80 -11.58 3.04
C MET B 262 14.99 -12.67 4.09
N ASP B 263 16.12 -13.37 4.05
CA ASP B 263 16.36 -14.47 4.98
C ASP B 263 16.48 -13.97 6.41
N GLU B 264 17.16 -12.83 6.61
CA GLU B 264 17.31 -12.30 7.96
C GLU B 264 15.96 -11.89 8.54
N LEU B 265 15.11 -11.25 7.74
CA LEU B 265 13.79 -10.86 8.23
C LEU B 265 12.93 -12.09 8.53
N GLU B 266 13.00 -13.11 7.67
CA GLU B 266 12.24 -14.33 7.93
C GLU B 266 12.73 -15.03 9.20
N GLU B 267 14.04 -15.05 9.42
CA GLU B 267 14.58 -15.67 10.63
C GLU B 267 14.23 -14.84 11.87
N LEU B 268 14.14 -13.52 11.72
CA LEU B 268 13.69 -12.68 12.83
C LEU B 268 12.25 -13.02 13.20
N LEU B 269 11.39 -13.19 12.19
CA LEU B 269 10.01 -13.58 12.48
C LEU B 269 9.94 -14.97 13.09
N MET B 270 10.79 -15.88 12.63
CA MET B 270 10.79 -17.24 13.18
C MET B 270 11.25 -17.25 14.63
N GLU B 271 12.21 -16.40 14.98
CA GLU B 271 12.76 -16.40 16.33
C GLU B 271 11.70 -16.02 17.36
N PHE B 272 10.89 -15.01 17.07
CA PHE B 272 9.91 -14.49 18.02
C PHE B 272 8.51 -15.05 17.79
N GLY B 273 8.39 -16.14 17.05
CA GLY B 273 7.13 -16.86 16.97
C GLY B 273 6.05 -16.24 16.12
N ILE B 274 6.43 -15.49 15.08
CA ILE B 274 5.45 -14.93 14.16
C ILE B 274 5.38 -15.72 12.84
N MET B 275 6.50 -16.23 12.35
CA MET B 275 6.51 -17.06 11.15
C MET B 275 6.71 -18.52 11.52
FE1 SF4 C . 5.70 5.64 -9.86
FE2 SF4 C . 3.34 5.83 -8.51
FE3 SF4 C . 5.02 7.98 -8.61
FE4 SF4 C . 5.69 5.78 -7.13
S1 SF4 C . 3.93 7.18 -6.78
S2 SF4 C . 7.05 6.93 -8.56
S3 SF4 C . 4.82 4.12 -8.42
S4 SF4 C . 3.95 7.00 -10.37
#